data_5HJA
#
_entry.id   5HJA
#
_cell.length_a   88.934
_cell.length_b   88.934
_cell.length_c   113.867
_cell.angle_alpha   90.00
_cell.angle_beta   90.00
_cell.angle_gamma   120.00
#
_symmetry.space_group_name_H-M   'H 3'
#
loop_
_entity.id
_entity.type
_entity.pdbx_description
1 polymer Arginase
2 non-polymer 'MANGANESE (II) ION'
3 non-polymer '(R)-2-amino-6-borono-2-(1-(3,4-dichlorobenzyl)piperidin-4-yl)hexanoic acid'
4 non-polymer GLYCEROL
5 water water
#
_entity_poly.entity_id   1
_entity_poly.type   'polypeptide(L)'
_entity_poly.pdbx_seq_one_letter_code
;MRGSHHHHHHGMAKKMSIVLAPFSGGQPHSGVELGPDYLLKQGLQQDMEKLGWDTRLERVFDGKVVEARKASDNGDRIGR
VKRPRLTAECTEKIYKCVRRVAEQGRFPLTIGGDHSIALGTVAGVLSVHPDAGVIWVDAHADINTMSGTVSGNLHGCPLS
ILLGLDRENIPECFSWVPQVLKPNKIAYIGLRAVDDEEKKILHDLNIAAFSMHHVDRYGIDKVVSMAIEAVSPKGTEPVM
VSYDVDTIDPLYVPATGTPVRGGLSFREALFLCERIAECGRLVALDVVECNPLLAATESHVNDTISVGCAIARCMMGETL
LYTPHTSSKL
;
_entity_poly.pdbx_strand_id   A
#
# COMPACT_ATOMS: atom_id res chain seq x y z
N LYS A 14 17.90 -9.95 -11.14
CA LYS A 14 16.45 -10.11 -11.06
C LYS A 14 16.06 -10.92 -9.81
N LYS A 15 16.18 -10.29 -8.65
CA LYS A 15 15.90 -10.97 -7.39
C LYS A 15 14.77 -10.29 -6.63
N MET A 16 14.00 -11.09 -5.89
CA MET A 16 12.83 -10.59 -5.18
C MET A 16 12.73 -11.14 -3.76
N SER A 17 12.36 -10.27 -2.83
CA SER A 17 12.02 -10.70 -1.49
C SER A 17 10.54 -10.44 -1.24
N ILE A 18 9.79 -11.51 -0.99
CA ILE A 18 8.38 -11.38 -0.64
C ILE A 18 8.27 -11.10 0.85
N VAL A 19 8.01 -9.84 1.19
CA VAL A 19 7.96 -9.41 2.58
C VAL A 19 6.59 -9.68 3.20
N LEU A 20 6.55 -10.56 4.18
CA LEU A 20 5.30 -10.93 4.83
C LEU A 20 4.99 -10.01 6.00
N ALA A 21 3.93 -9.23 5.86
CA ALA A 21 3.52 -8.27 6.88
C ALA A 21 2.10 -8.53 7.37
N PRO A 22 1.92 -9.58 8.18
CA PRO A 22 0.60 -9.99 8.68
C PRO A 22 0.11 -9.10 9.81
N PHE A 23 -0.21 -7.84 9.49
CA PHE A 23 -0.57 -6.88 10.53
C PHE A 23 -2.01 -6.39 10.39
N SER A 24 -2.72 -6.29 11.52
CA SER A 24 -4.13 -5.93 11.53
C SER A 24 -4.44 -4.75 12.45
N GLY A 25 -3.40 -4.23 13.10
CA GLY A 25 -3.59 -3.19 14.11
C GLY A 25 -3.94 -1.82 13.56
N GLY A 26 -4.02 -1.69 12.24
CA GLY A 26 -4.33 -0.42 11.63
C GLY A 26 -5.83 -0.19 11.47
N GLN A 27 -6.60 -1.22 11.79
CA GLN A 27 -8.05 -1.19 11.59
C GLN A 27 -8.72 -2.17 12.56
N PRO A 28 -10.04 -2.04 12.77
CA PRO A 28 -10.73 -2.86 13.78
C PRO A 28 -10.79 -4.36 13.46
N HIS A 29 -11.05 -4.70 12.20
CA HIS A 29 -11.35 -6.09 11.83
C HIS A 29 -10.13 -6.99 11.80
N SER A 30 -10.25 -8.16 12.41
CA SER A 30 -9.22 -9.19 12.30
C SER A 30 -9.44 -9.95 11.00
N GLY A 31 -8.42 -10.69 10.56
CA GLY A 31 -8.52 -11.47 9.35
C GLY A 31 -7.59 -11.00 8.25
N VAL A 32 -7.30 -9.71 8.23
CA VAL A 32 -6.42 -9.13 7.22
C VAL A 32 -4.97 -9.55 7.45
N GLU A 33 -4.68 -9.98 8.68
CA GLU A 33 -3.35 -10.48 9.00
C GLU A 33 -3.14 -11.86 8.40
N LEU A 34 -4.22 -12.46 7.90
CA LEU A 34 -4.15 -13.77 7.27
C LEU A 34 -3.78 -13.63 5.80
N GLY A 35 -3.81 -12.38 5.32
CA GLY A 35 -3.46 -12.06 3.95
C GLY A 35 -2.26 -12.79 3.37
N PRO A 36 -1.07 -12.53 3.93
CA PRO A 36 0.19 -13.10 3.42
C PRO A 36 0.17 -14.62 3.24
N ASP A 37 -0.32 -15.35 4.24
CA ASP A 37 -0.34 -16.80 4.17
C ASP A 37 -1.32 -17.30 3.11
N TYR A 38 -2.45 -16.61 2.99
CA TYR A 38 -3.45 -16.97 1.99
C TYR A 38 -2.93 -16.75 0.57
N LEU A 39 -2.25 -15.63 0.35
CA LEU A 39 -1.65 -15.34 -0.95
C LEU A 39 -0.59 -16.37 -1.31
N LEU A 40 0.20 -16.77 -0.32
CA LEU A 40 1.27 -17.75 -0.53
C LEU A 40 0.72 -19.15 -0.79
N LYS A 41 -0.35 -19.50 -0.09
CA LYS A 41 -1.00 -20.79 -0.31
C LYS A 41 -1.64 -20.81 -1.70
N GLN A 42 -2.03 -19.63 -2.19
CA GLN A 42 -2.62 -19.50 -3.51
C GLN A 42 -1.55 -19.70 -4.59
N GLY A 43 -0.29 -19.62 -4.18
CA GLY A 43 0.82 -19.93 -5.06
C GLY A 43 1.60 -18.70 -5.50
N LEU A 44 1.59 -17.68 -4.65
CA LEU A 44 2.22 -16.41 -4.98
C LEU A 44 3.70 -16.54 -5.33
N GLN A 45 4.44 -17.27 -4.50
CA GLN A 45 5.88 -17.43 -4.70
C GLN A 45 6.17 -18.21 -5.99
N GLN A 46 5.37 -19.25 -6.23
CA GLN A 46 5.52 -20.05 -7.45
C GLN A 46 5.26 -19.20 -8.68
N ASP A 47 4.27 -18.32 -8.58
CA ASP A 47 3.92 -17.40 -9.67
C ASP A 47 5.07 -16.48 -10.03
N MET A 48 5.77 -15.97 -9.01
CA MET A 48 6.88 -15.05 -9.21
C MET A 48 8.10 -15.75 -9.80
N GLU A 49 8.33 -16.99 -9.38
CA GLU A 49 9.43 -17.78 -9.91
C GLU A 49 9.20 -18.09 -11.40
N LYS A 50 7.95 -18.36 -11.76
CA LYS A 50 7.61 -18.65 -13.15
C LYS A 50 7.88 -17.43 -14.04
N LEU A 51 7.72 -16.24 -13.46
CA LEU A 51 7.94 -15.02 -14.21
C LEU A 51 9.43 -14.68 -14.29
N GLY A 52 10.25 -15.55 -13.71
CA GLY A 52 11.70 -15.43 -13.81
C GLY A 52 12.38 -14.84 -12.58
N TRP A 53 11.62 -14.63 -11.52
CA TRP A 53 12.18 -14.00 -10.32
C TRP A 53 12.76 -15.01 -9.34
N ASP A 54 14.01 -14.79 -8.95
CA ASP A 54 14.60 -15.53 -7.85
C ASP A 54 14.04 -14.97 -6.55
N THR A 55 13.20 -15.76 -5.89
CA THR A 55 12.45 -15.27 -4.75
C THR A 55 12.94 -15.85 -3.42
N ARG A 56 12.62 -15.15 -2.34
CA ARG A 56 12.78 -15.66 -1.00
C ARG A 56 11.78 -14.96 -0.10
N LEU A 57 11.35 -15.62 0.96
CA LEU A 57 10.38 -15.04 1.88
C LEU A 57 11.06 -14.33 3.04
N GLU A 58 10.48 -13.22 3.47
CA GLU A 58 10.96 -12.50 4.63
C GLU A 58 9.85 -12.36 5.66
N ARG A 59 10.00 -13.02 6.79
CA ARG A 59 9.05 -12.94 7.90
C ARG A 59 9.45 -11.83 8.86
N VAL A 60 8.66 -10.77 8.91
CA VAL A 60 8.97 -9.62 9.74
C VAL A 60 8.57 -9.85 11.20
N PHE A 61 7.43 -10.51 11.40
CA PHE A 61 6.97 -10.88 12.74
C PHE A 61 5.88 -11.94 12.66
N ASP A 62 5.55 -12.55 13.79
CA ASP A 62 4.51 -13.57 13.84
C ASP A 62 3.13 -12.92 13.96
N GLY A 63 2.30 -13.14 12.94
CA GLY A 63 0.98 -12.52 12.88
C GLY A 63 0.07 -12.91 14.02
N LYS A 64 0.22 -14.13 14.52
CA LYS A 64 -0.63 -14.62 15.60
C LYS A 64 -0.26 -13.99 16.95
N VAL A 65 1.03 -13.83 17.18
CA VAL A 65 1.51 -13.18 18.40
C VAL A 65 1.11 -11.70 18.38
N VAL A 66 1.30 -11.05 17.23
CA VAL A 66 0.91 -9.66 17.06
C VAL A 66 -0.59 -9.48 17.21
N GLU A 67 -1.37 -10.41 16.64
CA GLU A 67 -2.81 -10.34 16.71
C GLU A 67 -3.29 -10.51 18.15
N ALA A 68 -2.56 -11.30 18.91
CA ALA A 68 -2.87 -11.53 20.32
C ALA A 68 -2.82 -10.22 21.10
N ARG A 69 -1.75 -9.45 20.89
CA ARG A 69 -1.59 -8.17 21.57
C ARG A 69 -2.59 -7.14 21.04
N LYS A 70 -2.90 -7.23 19.75
CA LYS A 70 -3.87 -6.32 19.16
C LYS A 70 -5.25 -6.49 19.81
N ALA A 71 -5.68 -7.75 19.92
CA ALA A 71 -7.01 -8.06 20.42
C ALA A 71 -7.14 -7.79 21.92
N SER A 72 -6.03 -7.82 22.64
CA SER A 72 -6.05 -7.70 24.09
C SER A 72 -5.89 -6.27 24.60
N ASP A 73 -5.01 -5.51 23.96
CA ASP A 73 -4.52 -4.24 24.52
C ASP A 73 -5.34 -3.02 24.09
N ASN A 74 -6.54 -2.89 24.65
CA ASN A 74 -7.41 -1.75 24.35
C ASN A 74 -6.85 -0.42 24.85
N GLY A 75 -5.92 -0.48 25.81
CA GLY A 75 -5.34 0.71 26.38
C GLY A 75 -4.36 1.40 25.45
N ASP A 76 -3.96 0.69 24.40
CA ASP A 76 -3.08 1.26 23.38
C ASP A 76 -3.84 2.29 22.56
N ARG A 77 -4.06 3.47 23.15
CA ARG A 77 -4.73 4.57 22.46
C ARG A 77 -4.07 5.89 22.79
N ILE A 78 -4.04 6.80 21.83
CA ILE A 78 -3.69 8.19 22.11
C ILE A 78 -4.73 9.09 21.46
N GLY A 79 -5.63 9.62 22.29
CA GLY A 79 -6.76 10.37 21.79
C GLY A 79 -7.73 9.42 21.10
N ARG A 80 -8.08 9.75 19.86
CA ARG A 80 -8.98 8.90 19.09
C ARG A 80 -8.19 7.82 18.34
N VAL A 81 -6.88 8.04 18.22
CA VAL A 81 -5.99 7.12 17.53
C VAL A 81 -5.87 5.78 18.26
N LYS A 82 -6.11 4.69 17.55
CA LYS A 82 -6.06 3.36 18.13
C LYS A 82 -4.77 2.61 17.78
N ARG A 83 -4.20 1.97 18.79
CA ARG A 83 -2.96 1.18 18.66
C ARG A 83 -1.77 1.94 18.05
N PRO A 84 -1.46 3.14 18.57
CA PRO A 84 -0.31 3.82 17.96
C PRO A 84 1.02 3.18 18.33
N ARG A 85 1.10 2.56 19.50
CA ARG A 85 2.33 1.93 19.96
C ARG A 85 2.61 0.64 19.20
N LEU A 86 1.61 -0.24 19.15
CA LEU A 86 1.74 -1.51 18.44
C LEU A 86 2.01 -1.28 16.96
N THR A 87 1.33 -0.30 16.37
CA THR A 87 1.51 0.02 14.96
C THR A 87 2.90 0.57 14.69
N ALA A 88 3.36 1.44 15.58
CA ALA A 88 4.67 2.06 15.44
C ALA A 88 5.78 1.01 15.53
N GLU A 89 5.58 0.02 16.40
CA GLU A 89 6.55 -1.04 16.58
C GLU A 89 6.61 -1.95 15.37
N CYS A 90 5.45 -2.40 14.90
CA CYS A 90 5.38 -3.34 13.80
C CYS A 90 5.81 -2.73 12.48
N THR A 91 5.47 -1.46 12.26
CA THR A 91 5.82 -0.79 11.03
C THR A 91 7.29 -0.37 11.00
N GLU A 92 7.90 -0.24 12.16
CA GLU A 92 9.34 0.02 12.19
C GLU A 92 10.09 -1.25 11.80
N LYS A 93 9.56 -2.39 12.23
CA LYS A 93 10.12 -3.69 11.83
C LYS A 93 10.04 -3.87 10.32
N ILE A 94 8.91 -3.51 9.74
CA ILE A 94 8.70 -3.61 8.29
C ILE A 94 9.64 -2.66 7.55
N TYR A 95 9.82 -1.46 8.11
CA TYR A 95 10.73 -0.48 7.55
C TYR A 95 12.15 -0.99 7.43
N LYS A 96 12.67 -1.55 8.53
CA LYS A 96 14.03 -2.08 8.58
C LYS A 96 14.22 -3.24 7.62
N CYS A 97 13.19 -4.07 7.49
CA CYS A 97 13.23 -5.21 6.58
C CYS A 97 13.26 -4.75 5.13
N VAL A 98 12.26 -3.95 4.75
CA VAL A 98 12.15 -3.45 3.38
C VAL A 98 13.37 -2.63 2.96
N ARG A 99 13.89 -1.83 3.88
CA ARG A 99 15.07 -1.02 3.59
C ARG A 99 16.27 -1.90 3.27
N ARG A 100 16.43 -2.98 4.05
CA ARG A 100 17.55 -3.88 3.85
C ARG A 100 17.40 -4.66 2.53
N VAL A 101 16.18 -5.09 2.23
CA VAL A 101 15.89 -5.77 0.97
C VAL A 101 16.30 -4.92 -0.23
N ALA A 102 15.93 -3.64 -0.20
CA ALA A 102 16.23 -2.72 -1.29
C ALA A 102 17.72 -2.43 -1.38
N GLU A 103 18.39 -2.39 -0.22
CA GLU A 103 19.83 -2.17 -0.18
C GLU A 103 20.57 -3.38 -0.72
N GLN A 104 20.00 -4.56 -0.48
CA GLN A 104 20.55 -5.79 -1.02
C GLN A 104 20.39 -5.86 -2.54
N GLY A 105 19.59 -4.96 -3.09
CA GLY A 105 19.36 -4.93 -4.53
C GLY A 105 18.25 -5.86 -4.96
N ARG A 106 17.39 -6.22 -4.01
CA ARG A 106 16.25 -7.08 -4.30
C ARG A 106 14.96 -6.28 -4.40
N PHE A 107 14.00 -6.80 -5.14
CA PHE A 107 12.69 -6.19 -5.26
C PHE A 107 11.84 -6.53 -4.04
N PRO A 108 11.44 -5.51 -3.27
CA PRO A 108 10.55 -5.78 -2.13
C PRO A 108 9.09 -5.87 -2.55
N LEU A 109 8.52 -7.06 -2.53
CA LEU A 109 7.09 -7.22 -2.75
C LEU A 109 6.44 -7.52 -1.40
N THR A 110 5.78 -6.52 -0.82
CA THR A 110 5.22 -6.65 0.53
C THR A 110 3.73 -6.99 0.49
N ILE A 111 3.36 -8.08 1.17
CA ILE A 111 1.97 -8.49 1.28
C ILE A 111 1.42 -8.22 2.67
N GLY A 112 0.31 -7.48 2.73
CA GLY A 112 -0.34 -7.16 3.99
C GLY A 112 -1.48 -8.13 4.26
N GLY A 113 -2.19 -7.92 5.37
CA GLY A 113 -1.95 -6.80 6.25
C GLY A 113 -2.73 -5.58 5.82
N ASP A 114 -3.16 -4.78 6.79
CA ASP A 114 -3.86 -3.55 6.44
C ASP A 114 -2.84 -2.52 5.92
N HIS A 115 -3.32 -1.37 5.49
CA HIS A 115 -2.48 -0.43 4.75
C HIS A 115 -1.57 0.41 5.63
N SER A 116 -1.63 0.21 6.94
CA SER A 116 -0.75 0.93 7.85
C SER A 116 0.69 0.44 7.69
N ILE A 117 0.85 -0.73 7.09
CA ILE A 117 2.18 -1.30 6.86
C ILE A 117 2.97 -0.49 5.84
N ALA A 118 2.26 0.36 5.08
CA ALA A 118 2.88 1.19 4.05
C ALA A 118 3.74 2.27 4.67
N LEU A 119 3.52 2.51 5.96
CA LEU A 119 4.36 3.42 6.72
C LEU A 119 5.79 2.90 6.72
N GLY A 120 5.91 1.57 6.78
CA GLY A 120 7.21 0.92 6.76
C GLY A 120 7.76 0.70 5.37
N THR A 121 6.90 0.29 4.44
CA THR A 121 7.35 -0.01 3.08
C THR A 121 7.80 1.23 2.32
N VAL A 122 7.01 2.29 2.37
CA VAL A 122 7.37 3.53 1.66
C VAL A 122 8.65 4.13 2.23
N ALA A 123 8.73 4.16 3.56
CA ALA A 123 9.93 4.68 4.23
C ALA A 123 11.15 3.85 3.87
N GLY A 124 10.97 2.53 3.81
CA GLY A 124 12.05 1.61 3.47
C GLY A 124 12.57 1.81 2.07
N VAL A 125 11.66 1.93 1.11
CA VAL A 125 12.03 2.05 -0.29
C VAL A 125 12.67 3.41 -0.63
N LEU A 126 12.08 4.48 -0.11
CA LEU A 126 12.54 5.82 -0.44
C LEU A 126 13.83 6.17 0.28
N SER A 127 14.17 5.40 1.32
N SER A 127 14.16 5.41 1.32
CA SER A 127 15.44 5.59 2.01
CA SER A 127 15.43 5.59 2.02
C SER A 127 16.58 5.07 1.17
C SER A 127 16.57 5.09 1.15
N VAL A 128 16.26 4.13 0.28
CA VAL A 128 17.25 3.57 -0.63
C VAL A 128 17.15 4.27 -1.99
N HIS A 129 15.91 4.56 -2.42
CA HIS A 129 15.68 5.31 -3.64
C HIS A 129 14.98 6.64 -3.32
N PRO A 130 15.77 7.69 -3.04
CA PRO A 130 15.25 8.98 -2.59
C PRO A 130 14.31 9.67 -3.56
N ASP A 131 14.48 9.43 -4.85
CA ASP A 131 13.69 10.11 -5.87
C ASP A 131 12.58 9.22 -6.43
N ALA A 132 12.25 8.17 -5.70
CA ALA A 132 11.20 7.25 -6.12
C ALA A 132 9.84 7.90 -6.00
N GLY A 133 8.99 7.70 -6.99
CA GLY A 133 7.62 8.18 -6.94
C GLY A 133 6.75 7.10 -6.32
N VAL A 134 5.66 7.52 -5.68
CA VAL A 134 4.74 6.57 -5.09
C VAL A 134 3.34 6.69 -5.68
N ILE A 135 2.86 5.62 -6.30
CA ILE A 135 1.51 5.59 -6.81
C ILE A 135 0.61 4.84 -5.82
N TRP A 136 -0.34 5.55 -5.24
CA TRP A 136 -1.21 5.02 -4.20
C TRP A 136 -2.56 4.63 -4.79
N VAL A 137 -2.73 3.34 -5.06
CA VAL A 137 -3.96 2.84 -5.65
C VAL A 137 -4.95 2.49 -4.55
N ASP A 138 -6.00 3.28 -4.43
CA ASP A 138 -6.87 3.19 -3.26
C ASP A 138 -8.20 3.89 -3.47
N ALA A 139 -9.24 3.41 -2.79
CA ALA A 139 -10.51 4.11 -2.77
C ALA A 139 -10.44 5.26 -1.79
N HIS A 140 -9.48 5.17 -0.88
CA HIS A 140 -9.30 6.18 0.16
C HIS A 140 -7.98 6.91 0.03
N ALA A 141 -7.88 8.08 0.66
CA ALA A 141 -6.69 8.92 0.58
C ALA A 141 -5.64 8.51 1.62
N ASP A 142 -6.09 7.82 2.67
CA ASP A 142 -5.24 7.35 3.76
C ASP A 142 -4.32 8.44 4.30
N ILE A 143 -4.83 9.65 4.47
CA ILE A 143 -3.98 10.79 4.80
C ILE A 143 -4.59 11.63 5.93
N ASN A 144 -5.52 11.04 6.66
CA ASN A 144 -6.06 11.65 7.86
C ASN A 144 -4.95 11.87 8.88
N THR A 145 -4.97 12.99 9.57
CA THR A 145 -3.93 13.30 10.55
C THR A 145 -4.27 12.68 11.90
N MET A 146 -3.35 12.82 12.85
CA MET A 146 -3.52 12.25 14.19
C MET A 146 -4.69 12.90 14.92
N SER A 147 -4.77 14.23 14.80
CA SER A 147 -5.84 14.99 15.43
C SER A 147 -7.07 15.07 14.55
N GLY A 148 -6.92 14.71 13.28
CA GLY A 148 -8.00 14.86 12.31
C GLY A 148 -8.84 13.62 12.14
N THR A 149 -8.26 12.45 12.39
CA THR A 149 -8.96 11.20 12.14
C THR A 149 -10.18 11.06 13.05
N VAL A 150 -11.22 10.43 12.52
CA VAL A 150 -12.47 10.27 13.27
C VAL A 150 -12.59 8.84 13.77
N SER A 151 -12.25 7.90 12.89
CA SER A 151 -12.30 6.49 13.23
C SER A 151 -11.14 6.13 14.16
N GLY A 152 -10.01 6.81 13.97
CA GLY A 152 -8.84 6.54 14.77
C GLY A 152 -8.10 5.31 14.27
N ASN A 153 -8.57 4.76 13.16
CA ASN A 153 -7.93 3.62 12.52
C ASN A 153 -6.73 4.07 11.69
N LEU A 154 -5.56 3.60 12.09
CA LEU A 154 -4.30 4.09 11.52
C LEU A 154 -4.02 3.64 10.09
N HIS A 155 -4.81 2.72 9.55
CA HIS A 155 -4.64 2.32 8.16
C HIS A 155 -5.19 3.40 7.24
N GLY A 156 -5.91 4.35 7.83
CA GLY A 156 -6.37 5.51 7.10
C GLY A 156 -5.51 6.73 7.37
N CYS A 157 -4.36 6.52 8.00
CA CYS A 157 -3.46 7.62 8.32
C CYS A 157 -1.98 7.55 7.87
N PRO A 158 -1.55 6.48 7.15
CA PRO A 158 -0.09 6.39 6.98
C PRO A 158 0.57 7.52 6.19
N LEU A 159 -0.15 8.13 5.24
CA LEU A 159 0.45 9.14 4.39
C LEU A 159 0.67 10.48 5.12
N SER A 160 -0.14 10.76 6.14
CA SER A 160 0.03 11.98 6.92
C SER A 160 1.31 11.91 7.73
N ILE A 161 1.60 10.73 8.27
CA ILE A 161 2.81 10.49 9.05
C ILE A 161 4.04 10.51 8.13
N LEU A 162 3.91 9.87 6.97
CA LEU A 162 4.99 9.84 5.98
C LEU A 162 5.32 11.23 5.46
N LEU A 163 4.31 12.09 5.40
CA LEU A 163 4.49 13.45 4.89
C LEU A 163 4.85 14.43 6.01
N GLY A 164 4.71 13.97 7.25
CA GLY A 164 5.04 14.79 8.41
C GLY A 164 3.97 15.81 8.77
N LEU A 165 2.75 15.58 8.28
CA LEU A 165 1.63 16.48 8.54
C LEU A 165 1.20 16.41 10.00
N ASP A 166 0.67 17.52 10.51
CA ASP A 166 0.23 17.61 11.90
C ASP A 166 1.36 17.20 12.82
N ARG A 167 2.56 17.70 12.53
CA ARG A 167 3.80 17.30 13.19
C ARG A 167 3.70 17.23 14.71
N GLU A 168 3.10 18.25 15.32
CA GLU A 168 3.08 18.38 16.77
C GLU A 168 2.17 17.38 17.45
N ASN A 169 1.44 16.59 16.67
CA ASN A 169 0.50 15.64 17.25
C ASN A 169 0.79 14.19 16.92
N ILE A 170 1.93 13.94 16.27
CA ILE A 170 2.35 12.56 16.02
C ILE A 170 3.15 12.05 17.22
N PRO A 171 2.69 10.94 17.82
CA PRO A 171 3.28 10.34 19.02
C PRO A 171 4.76 10.06 18.89
N GLU A 172 5.47 10.01 20.02
CA GLU A 172 6.92 9.81 20.02
C GLU A 172 7.30 8.44 19.48
N CYS A 173 6.39 7.47 19.59
CA CYS A 173 6.69 6.11 19.14
C CYS A 173 6.87 6.03 17.62
N PHE A 174 6.49 7.09 16.91
CA PHE A 174 6.67 7.17 15.45
C PHE A 174 7.88 8.02 15.08
N SER A 175 8.73 8.31 16.06
CA SER A 175 9.89 9.17 15.82
C SER A 175 10.90 8.54 14.86
N TRP A 176 10.75 7.23 14.64
CA TRP A 176 11.69 6.48 13.81
C TRP A 176 11.50 6.76 12.32
N VAL A 177 10.31 7.24 11.96
CA VAL A 177 9.96 7.45 10.56
C VAL A 177 10.79 8.54 9.90
N PRO A 178 11.62 8.14 8.92
CA PRO A 178 12.39 9.12 8.15
C PRO A 178 11.49 9.99 7.30
N GLN A 179 11.82 11.27 7.17
CA GLN A 179 11.04 12.19 6.35
C GLN A 179 11.59 12.22 4.93
N VAL A 180 11.14 11.28 4.11
CA VAL A 180 11.67 11.11 2.76
C VAL A 180 10.62 11.33 1.68
N LEU A 181 9.34 11.28 2.05
CA LEU A 181 8.27 11.47 1.07
C LEU A 181 7.82 12.92 1.03
N LYS A 182 7.78 13.47 -0.18
CA LYS A 182 7.28 14.82 -0.41
C LYS A 182 5.95 14.76 -1.16
N PRO A 183 5.11 15.80 -1.00
CA PRO A 183 3.78 15.82 -1.62
C PRO A 183 3.77 15.66 -3.15
N ASN A 184 4.83 16.10 -3.83
CA ASN A 184 4.88 16.04 -5.29
C ASN A 184 5.40 14.70 -5.80
N LYS A 185 5.59 13.76 -4.91
CA LYS A 185 6.06 12.43 -5.28
C LYS A 185 5.03 11.36 -4.97
N ILE A 186 3.79 11.76 -4.71
N ILE A 186 3.80 11.81 -4.70
CA ILE A 186 2.73 10.76 -4.51
CA ILE A 186 2.64 10.95 -4.49
C ILE A 186 1.48 11.07 -5.34
C ILE A 186 1.66 11.13 -5.65
N ALA A 187 1.01 10.05 -6.06
CA ALA A 187 -0.13 10.17 -6.96
C ALA A 187 -1.17 9.11 -6.64
N TYR A 188 -2.41 9.55 -6.46
CA TYR A 188 -3.50 8.64 -6.18
C TYR A 188 -4.16 8.13 -7.46
N ILE A 189 -4.63 6.89 -7.43
CA ILE A 189 -5.50 6.39 -8.49
C ILE A 189 -6.67 5.64 -7.87
N GLY A 190 -7.89 6.12 -8.15
CA GLY A 190 -9.08 5.38 -7.81
C GLY A 190 -9.92 5.89 -6.66
N LEU A 191 -9.60 7.09 -6.17
CA LEU A 191 -10.28 7.70 -5.03
C LEU A 191 -11.79 7.88 -5.23
N ARG A 192 -12.58 7.59 -4.19
CA ARG A 192 -14.04 7.78 -4.24
C ARG A 192 -14.68 7.86 -2.85
N ALA A 193 -13.86 7.78 -1.80
CA ALA A 193 -14.32 7.96 -0.43
C ALA A 193 -13.32 8.79 0.38
N VAL A 194 -13.16 10.05 -0.01
CA VAL A 194 -12.20 10.96 0.61
C VAL A 194 -12.85 11.85 1.67
N ASP A 195 -12.36 11.78 2.90
CA ASP A 195 -12.90 12.58 3.99
C ASP A 195 -12.73 14.07 3.70
N ASP A 196 -13.57 14.88 4.32
CA ASP A 196 -13.54 16.33 4.13
C ASP A 196 -12.18 16.92 4.47
N GLU A 197 -11.61 16.46 5.58
CA GLU A 197 -10.29 16.91 6.01
C GLU A 197 -9.22 16.49 4.99
N GLU A 198 -9.38 15.29 4.44
CA GLU A 198 -8.44 14.78 3.45
C GLU A 198 -8.52 15.58 2.15
N LYS A 199 -9.74 15.92 1.76
CA LYS A 199 -9.99 16.74 0.57
C LYS A 199 -9.22 18.05 0.64
N LYS A 200 -9.28 18.70 1.78
CA LYS A 200 -8.58 19.96 2.00
C LYS A 200 -7.07 19.78 1.93
N ILE A 201 -6.58 18.68 2.50
CA ILE A 201 -5.16 18.38 2.52
C ILE A 201 -4.61 18.17 1.12
N LEU A 202 -5.31 17.34 0.34
CA LEU A 202 -4.91 17.07 -1.04
C LEU A 202 -4.88 18.36 -1.85
N HIS A 203 -5.86 19.23 -1.60
CA HIS A 203 -5.95 20.51 -2.30
C HIS A 203 -4.83 21.45 -1.88
N ASP A 204 -4.68 21.63 -0.56
CA ASP A 204 -3.67 22.53 -0.02
C ASP A 204 -2.24 22.13 -0.39
N LEU A 205 -2.02 20.82 -0.51
CA LEU A 205 -0.68 20.32 -0.79
C LEU A 205 -0.45 20.03 -2.27
N ASN A 206 -1.48 20.27 -3.08
CA ASN A 206 -1.44 20.03 -4.52
C ASN A 206 -0.95 18.63 -4.86
N ILE A 207 -1.49 17.64 -4.17
CA ILE A 207 -1.13 16.25 -4.40
C ILE A 207 -1.88 15.72 -5.61
N ALA A 208 -1.16 15.07 -6.53
CA ALA A 208 -1.78 14.47 -7.71
C ALA A 208 -2.80 13.42 -7.28
N ALA A 209 -4.06 13.72 -7.55
CA ALA A 209 -5.15 12.83 -7.14
C ALA A 209 -6.09 12.53 -8.31
N PHE A 210 -6.06 11.30 -8.77
CA PHE A 210 -6.93 10.86 -9.85
C PHE A 210 -8.04 9.99 -9.30
N SER A 211 -9.21 10.61 -9.11
CA SER A 211 -10.37 9.92 -8.55
C SER A 211 -11.09 9.10 -9.63
N MET A 212 -12.17 8.44 -9.21
CA MET A 212 -12.97 7.66 -10.14
C MET A 212 -13.60 8.54 -11.21
N HIS A 213 -13.77 9.82 -10.87
CA HIS A 213 -14.24 10.80 -11.83
C HIS A 213 -13.31 10.89 -13.02
N HIS A 214 -12.02 10.89 -12.72
CA HIS A 214 -11.00 11.04 -13.76
C HIS A 214 -10.86 9.77 -14.58
N VAL A 215 -11.06 8.62 -13.94
CA VAL A 215 -11.06 7.34 -14.65
C VAL A 215 -12.28 7.27 -15.58
N ASP A 216 -13.42 7.73 -15.06
CA ASP A 216 -14.63 7.79 -15.86
C ASP A 216 -14.51 8.78 -17.02
N ARG A 217 -13.78 9.86 -16.77
CA ARG A 217 -13.70 10.95 -17.73
C ARG A 217 -12.67 10.69 -18.81
N TYR A 218 -11.51 10.18 -18.42
CA TYR A 218 -10.37 10.06 -19.35
C TYR A 218 -10.07 8.61 -19.74
N GLY A 219 -10.55 7.66 -18.96
CA GLY A 219 -10.21 6.27 -19.19
C GLY A 219 -8.99 5.89 -18.37
N ILE A 220 -8.86 4.61 -18.04
CA ILE A 220 -7.82 4.17 -17.12
C ILE A 220 -6.41 4.35 -17.68
N ASP A 221 -6.28 4.23 -19.00
CA ASP A 221 -4.96 4.34 -19.62
C ASP A 221 -4.39 5.74 -19.46
N LYS A 222 -5.21 6.75 -19.72
CA LYS A 222 -4.77 8.13 -19.58
C LYS A 222 -4.44 8.46 -18.13
N VAL A 223 -5.26 7.95 -17.21
CA VAL A 223 -5.08 8.18 -15.78
C VAL A 223 -3.76 7.62 -15.28
N VAL A 224 -3.47 6.37 -15.65
CA VAL A 224 -2.22 5.73 -15.26
C VAL A 224 -1.03 6.48 -15.84
N SER A 225 -1.15 6.91 -17.09
CA SER A 225 -0.09 7.69 -17.71
C SER A 225 0.16 8.98 -16.96
N MET A 226 -0.92 9.68 -16.60
CA MET A 226 -0.83 10.94 -15.88
C MET A 226 -0.25 10.75 -14.49
N ALA A 227 -0.59 9.63 -13.85
CA ALA A 227 -0.10 9.32 -12.52
C ALA A 227 1.41 9.05 -12.53
N ILE A 228 1.87 8.31 -13.52
CA ILE A 228 3.29 8.01 -13.68
C ILE A 228 4.09 9.29 -13.94
N GLU A 229 3.56 10.13 -14.82
CA GLU A 229 4.21 11.38 -15.17
C GLU A 229 4.30 12.31 -13.97
N ALA A 230 3.26 12.30 -13.14
CA ALA A 230 3.16 13.21 -12.01
C ALA A 230 4.25 12.98 -10.97
N VAL A 231 4.69 11.73 -10.82
CA VAL A 231 5.71 11.40 -9.83
C VAL A 231 7.07 11.13 -10.46
N SER A 232 7.13 11.21 -11.79
CA SER A 232 8.40 11.02 -12.49
C SER A 232 8.65 12.12 -13.52
N PRO A 233 9.05 13.32 -13.07
CA PRO A 233 9.38 14.43 -13.98
C PRO A 233 10.46 14.08 -15.01
N LYS A 234 11.59 13.52 -14.57
CA LYS A 234 12.67 13.19 -15.52
C LYS A 234 12.24 12.08 -16.47
N GLY A 235 11.20 11.34 -16.09
CA GLY A 235 10.76 10.18 -16.84
C GLY A 235 11.73 9.03 -16.64
N THR A 236 12.57 9.16 -15.61
CA THR A 236 13.61 8.18 -15.32
C THR A 236 13.49 7.62 -13.92
N GLU A 237 12.70 8.27 -13.08
CA GLU A 237 12.63 7.92 -11.66
C GLU A 237 12.06 6.54 -11.42
N PRO A 238 12.58 5.85 -10.40
CA PRO A 238 11.99 4.60 -9.92
C PRO A 238 10.56 4.84 -9.47
N VAL A 239 9.71 3.82 -9.55
CA VAL A 239 8.32 3.94 -9.17
C VAL A 239 7.88 2.83 -8.21
N MET A 240 7.19 3.23 -7.15
CA MET A 240 6.64 2.30 -6.19
C MET A 240 5.12 2.36 -6.25
N VAL A 241 4.49 1.18 -6.19
CA VAL A 241 3.03 1.14 -6.14
C VAL A 241 2.58 0.48 -4.84
N SER A 242 1.71 1.18 -4.12
CA SER A 242 1.08 0.64 -2.92
C SER A 242 -0.39 0.38 -3.24
N TYR A 243 -0.74 -0.89 -3.35
CA TYR A 243 -2.02 -1.28 -3.92
C TYR A 243 -3.00 -1.78 -2.87
N ASP A 244 -4.00 -0.96 -2.58
CA ASP A 244 -5.11 -1.35 -1.71
C ASP A 244 -6.17 -2.05 -2.57
N VAL A 245 -6.53 -3.27 -2.22
CA VAL A 245 -7.47 -4.05 -3.04
C VAL A 245 -8.90 -3.52 -2.98
N ASP A 246 -9.19 -2.56 -2.11
CA ASP A 246 -10.54 -2.01 -2.03
C ASP A 246 -10.79 -0.96 -3.10
N THR A 247 -9.77 -0.68 -3.91
CA THR A 247 -9.91 0.20 -5.07
C THR A 247 -10.81 -0.48 -6.07
N ILE A 248 -10.73 -1.80 -6.08
CA ILE A 248 -11.50 -2.62 -6.99
C ILE A 248 -12.91 -2.82 -6.43
N ASP A 249 -13.90 -2.57 -7.28
CA ASP A 249 -15.30 -2.61 -6.89
C ASP A 249 -15.63 -3.91 -6.16
N PRO A 250 -16.33 -3.80 -5.01
CA PRO A 250 -16.69 -4.92 -4.14
C PRO A 250 -17.24 -6.12 -4.91
N LEU A 251 -17.78 -5.87 -6.10
CA LEU A 251 -18.22 -6.93 -7.00
C LEU A 251 -17.08 -7.91 -7.32
N TYR A 252 -15.85 -7.42 -7.26
CA TYR A 252 -14.68 -8.27 -7.51
C TYR A 252 -13.87 -8.51 -6.23
N VAL A 253 -13.85 -7.51 -5.36
CA VAL A 253 -13.18 -7.65 -4.07
C VAL A 253 -14.18 -7.41 -2.95
N PRO A 254 -14.91 -8.47 -2.56
CA PRO A 254 -15.90 -8.42 -1.48
C PRO A 254 -15.27 -8.59 -0.11
N ALA A 255 -14.20 -9.36 -0.04
CA ALA A 255 -13.53 -9.62 1.24
C ALA A 255 -12.47 -8.57 1.54
N THR A 256 -12.92 -7.36 1.84
CA THR A 256 -12.03 -6.29 2.26
C THR A 256 -12.74 -5.40 3.28
N GLY A 257 -11.98 -4.85 4.22
CA GLY A 257 -12.53 -4.17 5.38
C GLY A 257 -13.36 -2.93 5.09
N THR A 258 -12.93 -2.15 4.10
CA THR A 258 -13.60 -0.89 3.78
C THR A 258 -14.05 -0.84 2.32
N PRO A 259 -15.08 -1.62 1.96
CA PRO A 259 -15.54 -1.67 0.57
C PRO A 259 -16.26 -0.38 0.16
N VAL A 260 -15.90 0.11 -1.03
CA VAL A 260 -16.49 1.33 -1.57
C VAL A 260 -16.87 1.17 -3.05
N ARG A 261 -18.04 1.69 -3.36
CA ARG A 261 -18.54 1.78 -4.72
C ARG A 261 -18.47 3.19 -5.25
N GLY A 262 -18.38 3.31 -6.58
CA GLY A 262 -18.21 2.17 -7.46
C GLY A 262 -16.78 2.23 -7.94
N GLY A 263 -16.02 1.16 -7.76
CA GLY A 263 -14.60 1.23 -8.04
C GLY A 263 -14.13 0.70 -9.37
N LEU A 264 -12.84 0.41 -9.44
CA LEU A 264 -12.25 -0.15 -10.65
C LEU A 264 -12.87 -1.49 -10.98
N SER A 265 -12.99 -1.77 -12.27
CA SER A 265 -13.38 -3.10 -12.71
C SER A 265 -12.20 -4.02 -12.51
N PHE A 266 -12.45 -5.32 -12.55
CA PHE A 266 -11.38 -6.30 -12.51
C PHE A 266 -10.39 -6.05 -13.63
N ARG A 267 -10.90 -5.66 -14.79
CA ARG A 267 -10.10 -5.39 -15.98
C ARG A 267 -9.21 -4.15 -15.82
N GLU A 268 -9.80 -3.05 -15.35
CA GLU A 268 -9.06 -1.82 -15.11
C GLU A 268 -7.97 -2.04 -14.06
N ALA A 269 -8.31 -2.81 -13.02
CA ALA A 269 -7.39 -3.07 -11.92
C ALA A 269 -6.12 -3.78 -12.38
N LEU A 270 -6.27 -4.72 -13.31
CA LEU A 270 -5.13 -5.46 -13.83
C LEU A 270 -4.44 -4.76 -14.98
N PHE A 271 -5.21 -3.99 -15.76
CA PHE A 271 -4.64 -3.20 -16.85
C PHE A 271 -3.67 -2.19 -16.27
N LEU A 272 -4.06 -1.60 -15.14
CA LEU A 272 -3.23 -0.66 -14.41
C LEU A 272 -1.87 -1.28 -14.14
N CYS A 273 -1.88 -2.53 -13.68
CA CYS A 273 -0.66 -3.26 -13.38
C CYS A 273 0.20 -3.45 -14.62
N GLU A 274 -0.46 -3.77 -15.74
CA GLU A 274 0.23 -4.01 -16.99
C GLU A 274 0.92 -2.76 -17.54
N ARG A 275 0.25 -1.62 -17.42
CA ARG A 275 0.85 -0.34 -17.82
C ARG A 275 2.08 -0.04 -16.98
N ILE A 276 1.99 -0.32 -15.69
CA ILE A 276 3.10 -0.07 -14.76
C ILE A 276 4.29 -0.99 -15.05
N ALA A 277 4.00 -2.28 -15.18
CA ALA A 277 5.00 -3.26 -15.57
C ALA A 277 5.68 -2.84 -16.87
N GLU A 278 4.88 -2.29 -17.77
CA GLU A 278 5.33 -1.87 -19.10
C GLU A 278 6.38 -0.77 -19.07
N CYS A 279 6.26 0.15 -18.11
CA CYS A 279 7.15 1.31 -18.04
C CYS A 279 8.54 0.92 -17.56
N GLY A 280 8.63 -0.24 -16.90
CA GLY A 280 9.90 -0.84 -16.55
C GLY A 280 10.65 -0.21 -15.38
N ARG A 281 9.99 0.67 -14.64
CA ARG A 281 10.66 1.40 -13.57
C ARG A 281 10.09 1.07 -12.18
N LEU A 282 9.26 0.03 -12.11
CA LEU A 282 8.71 -0.43 -10.84
C LEU A 282 9.81 -0.95 -9.94
N VAL A 283 9.91 -0.42 -8.73
CA VAL A 283 11.00 -0.77 -7.83
C VAL A 283 10.49 -1.50 -6.59
N ALA A 284 9.21 -1.35 -6.29
CA ALA A 284 8.60 -2.00 -5.14
C ALA A 284 7.08 -2.06 -5.25
N LEU A 285 6.47 -3.02 -4.57
CA LEU A 285 5.02 -3.17 -4.63
C LEU A 285 4.43 -3.65 -3.31
N ASP A 286 3.38 -2.97 -2.86
CA ASP A 286 2.56 -3.46 -1.75
C ASP A 286 1.24 -3.97 -2.28
N VAL A 287 0.78 -5.10 -1.74
CA VAL A 287 -0.58 -5.55 -1.97
C VAL A 287 -1.25 -5.74 -0.63
N VAL A 288 -2.20 -4.87 -0.30
CA VAL A 288 -2.74 -4.82 1.06
C VAL A 288 -4.26 -4.94 1.18
N GLU A 289 -4.70 -5.13 2.42
CA GLU A 289 -6.11 -5.14 2.79
C GLU A 289 -6.90 -6.32 2.25
N CYS A 290 -6.20 -7.41 1.94
CA CYS A 290 -6.88 -8.67 1.66
C CYS A 290 -7.34 -9.27 2.98
N ASN A 291 -8.66 -9.38 3.16
CA ASN A 291 -9.22 -9.98 4.36
C ASN A 291 -10.05 -11.22 4.03
N PRO A 292 -9.38 -12.39 3.94
CA PRO A 292 -9.96 -13.66 3.49
C PRO A 292 -11.23 -14.09 4.24
N LEU A 293 -11.46 -13.55 5.42
CA LEU A 293 -12.60 -13.97 6.24
C LEU A 293 -13.87 -13.17 5.93
N LEU A 294 -14.02 -12.74 4.68
CA LEU A 294 -15.20 -11.97 4.27
C LEU A 294 -15.62 -12.35 2.84
N ASN A 302 -11.95 -16.76 -2.30
CA ASN A 302 -11.10 -17.08 -3.45
C ASN A 302 -10.90 -15.89 -4.37
N ASP A 303 -11.94 -15.09 -4.54
CA ASP A 303 -11.87 -13.92 -5.42
C ASP A 303 -10.84 -12.91 -4.92
N THR A 304 -10.98 -12.51 -3.66
CA THR A 304 -10.10 -11.49 -3.09
C THR A 304 -8.63 -11.91 -3.10
N ILE A 305 -8.38 -13.17 -2.77
CA ILE A 305 -7.01 -13.67 -2.72
C ILE A 305 -6.44 -13.87 -4.12
N SER A 306 -7.25 -14.39 -5.04
CA SER A 306 -6.81 -14.60 -6.42
C SER A 306 -6.60 -13.28 -7.14
N VAL A 307 -7.32 -12.25 -6.72
CA VAL A 307 -7.12 -10.91 -7.25
C VAL A 307 -5.78 -10.37 -6.78
N GLY A 308 -5.47 -10.62 -5.51
CA GLY A 308 -4.20 -10.23 -4.94
C GLY A 308 -3.03 -10.85 -5.68
N CYS A 309 -3.15 -12.13 -5.99
CA CYS A 309 -2.11 -12.84 -6.75
C CYS A 309 -2.01 -12.33 -8.17
N ALA A 310 -3.17 -12.02 -8.76
CA ALA A 310 -3.22 -11.54 -10.14
C ALA A 310 -2.54 -10.18 -10.28
N ILE A 311 -2.77 -9.31 -9.31
CA ILE A 311 -2.12 -8.00 -9.26
C ILE A 311 -0.61 -8.18 -9.27
N ALA A 312 -0.12 -9.11 -8.44
CA ALA A 312 1.30 -9.41 -8.35
C ALA A 312 1.87 -9.88 -9.69
N ARG A 313 1.22 -10.86 -10.30
CA ARG A 313 1.69 -11.41 -11.56
C ARG A 313 1.76 -10.36 -12.67
N CYS A 314 0.72 -9.54 -12.76
CA CYS A 314 0.64 -8.52 -13.81
C CYS A 314 1.66 -7.40 -13.57
N MET A 315 1.79 -7.02 -12.31
CA MET A 315 2.77 -6.01 -11.92
C MET A 315 4.18 -6.47 -12.26
N MET A 316 4.44 -7.75 -12.04
CA MET A 316 5.80 -8.28 -12.21
C MET A 316 6.06 -8.85 -13.61
N GLY A 317 5.16 -8.60 -14.56
CA GLY A 317 5.47 -8.85 -15.95
C GLY A 317 4.58 -9.77 -16.76
N GLU A 318 3.61 -10.42 -16.13
CA GLU A 318 2.72 -11.33 -16.84
C GLU A 318 1.84 -10.61 -17.86
N THR A 319 1.85 -11.08 -19.10
CA THR A 319 1.08 -10.46 -20.17
C THR A 319 0.12 -11.46 -20.83
N LEU A 320 -0.89 -10.93 -21.53
CA LEU A 320 -1.89 -11.76 -22.17
C LEU A 320 -1.36 -12.40 -23.44
N LEU A 321 -0.47 -11.69 -24.12
CA LEU A 321 0.17 -12.21 -25.33
C LEU A 321 1.67 -12.39 -25.10
N TYR A 322 2.40 -12.75 -26.16
CA TYR A 322 3.80 -13.10 -26.03
C TYR A 322 4.68 -11.94 -25.59
N THR A 323 5.58 -12.20 -24.65
CA THR A 323 6.62 -11.25 -24.25
C THR A 323 7.93 -11.97 -24.00
#